data_8PRJ
#
_entry.id   8PRJ
#
_cell.length_a   94.254
_cell.length_b   72.612
_cell.length_c   55.904
_cell.angle_alpha   90.00
_cell.angle_beta   114.12
_cell.angle_gamma   90.00
#
_symmetry.space_group_name_H-M   'C 1 2 1'
#
loop_
_entity.id
_entity.type
_entity.pdbx_description
1 polymer v31Bagel8
2 non-polymer 'CHLORIDE ION'
3 water water
#
_entity_poly.entity_id   1
_entity_poly.type   'polypeptide(L)'
_entity_poly.pdbx_seq_one_letter_code
;DGTIYVGSNDHYLYAINPNGKLKWKFETGGSVHSSPAIGQDGTIYVGSNDHYLYAINPNGKLKWKFETGGSVHSSPAIGQ
DGTIYVGSNDHYLYAINPNGKLKWKFETGGSVHSSPAIGQDGTIYVGSNDHYLYAINPNGKLKWKFETGGSVHSSPAIGQ
DGTIYVGSNDHYLYAINPNGKLKWKFETGGSVHSSPAIGQDGTIYVGSNDHYLYAINPNGKLKWKFETGGSVHSSPAIGQ
DGTIYVGSNDHYLYAINPNGKLKWKFETGGSVHSSPAIGQDGTIYVGSNDHYLYAINPNGKLKWKFETGGSVHSSPAIGQ
;
_entity_poly.pdbx_strand_id   A
#
loop_
_chem_comp.id
_chem_comp.type
_chem_comp.name
_chem_comp.formula
CL non-polymer 'CHLORIDE ION' 'Cl -1'
#
# COMPACT_ATOMS: atom_id res chain seq x y z
N ASP A 1 1.15 22.31 -4.13
CA ASP A 1 0.40 22.44 -2.88
C ASP A 1 1.02 21.56 -1.76
N GLY A 2 1.14 20.23 -1.94
CA GLY A 2 1.92 19.42 -1.00
C GLY A 2 1.20 18.88 0.22
N THR A 3 -0.13 18.95 0.24
CA THR A 3 -0.89 18.44 1.38
C THR A 3 -0.64 16.94 1.52
N ILE A 4 -0.53 16.48 2.77
CA ILE A 4 -0.34 15.06 3.07
C ILE A 4 -1.64 14.51 3.63
N TYR A 5 -2.16 13.46 3.01
CA TYR A 5 -3.41 12.84 3.41
C TYR A 5 -3.12 11.46 3.99
N VAL A 6 -3.77 11.12 5.11
CA VAL A 6 -3.58 9.80 5.68
C VAL A 6 -4.79 9.45 6.55
N GLY A 7 -5.17 8.18 6.55
CA GLY A 7 -6.19 7.72 7.45
C GLY A 7 -5.65 7.39 8.83
N SER A 8 -6.55 7.35 9.79
CA SER A 8 -6.22 6.92 11.15
C SER A 8 -7.25 5.94 11.65
N ASN A 9 -6.82 5.11 12.60
CA ASN A 9 -7.75 4.18 13.22
C ASN A 9 -8.77 4.92 14.10
N ASP A 10 -8.59 6.22 14.32
CA ASP A 10 -9.59 7.03 15.02
C ASP A 10 -10.79 7.41 14.16
N HIS A 11 -10.87 6.92 12.92
CA HIS A 11 -11.99 7.03 11.97
C HIS A 11 -11.85 8.20 10.99
N TYR A 12 -10.84 9.06 11.14
CA TYR A 12 -10.73 10.24 10.31
C TYR A 12 -9.75 10.05 9.17
N LEU A 13 -10.02 10.73 8.06
CA LEU A 13 -9.03 11.03 7.04
C LEU A 13 -8.45 12.41 7.35
N TYR A 14 -7.13 12.48 7.51
CA TYR A 14 -6.46 13.74 7.83
C TYR A 14 -5.84 14.35 6.58
N ALA A 15 -5.93 15.68 6.50
CA ALA A 15 -5.19 16.48 5.51
C ALA A 15 -4.29 17.41 6.31
N ILE A 16 -2.98 17.20 6.19
CA ILE A 16 -1.97 17.93 6.96
C ILE A 16 -1.15 18.79 6.02
N ASN A 17 -0.91 20.04 6.40
CA ASN A 17 -0.06 20.91 5.61
C ASN A 17 1.41 20.48 5.72
N PRO A 18 2.24 20.87 4.76
CA PRO A 18 3.68 20.52 4.82
C PRO A 18 4.38 20.96 6.09
N ASN A 19 3.86 21.96 6.80
CA ASN A 19 4.45 22.42 8.06
C ASN A 19 3.97 21.62 9.27
N GLY A 20 3.16 20.59 9.08
CA GLY A 20 2.71 19.76 10.18
C GLY A 20 1.49 20.27 10.90
N LYS A 21 0.87 21.34 10.42
CA LYS A 21 -0.37 21.84 10.99
C LYS A 21 -1.57 21.32 10.21
N LEU A 22 -2.67 21.08 10.95
CA LEU A 22 -3.86 20.52 10.35
C LEU A 22 -4.44 21.46 9.29
N LYS A 23 -4.80 20.89 8.15
CA LYS A 23 -5.66 21.58 7.19
C LYS A 23 -7.13 21.27 7.49
N TRP A 24 -7.50 19.99 7.43
CA TRP A 24 -8.82 19.54 7.85
C TRP A 24 -8.76 18.06 8.17
N LYS A 25 -9.81 17.57 8.85
CA LYS A 25 -9.99 16.15 9.05
C LYS A 25 -11.44 15.81 8.74
N PHE A 26 -11.65 14.65 8.14
CA PHE A 26 -12.98 14.21 7.73
C PHE A 26 -13.31 12.92 8.46
N GLU A 27 -14.44 12.91 9.17
CA GLU A 27 -14.81 11.77 10.00
C GLU A 27 -15.61 10.75 9.19
N THR A 28 -15.07 9.55 9.03
CA THR A 28 -15.85 8.44 8.52
C THR A 28 -16.50 7.70 9.70
N GLY A 29 -17.22 6.63 9.40
CA GLY A 29 -17.88 5.85 10.42
C GLY A 29 -17.03 4.80 11.09
N GLY A 30 -15.79 4.63 10.64
CA GLY A 30 -14.96 3.58 11.20
C GLY A 30 -13.50 3.81 10.87
N SER A 31 -12.66 2.88 11.32
N SER A 31 -12.65 2.93 11.36
CA SER A 31 -11.22 3.02 11.13
CA SER A 31 -11.22 3.13 11.19
C SER A 31 -10.88 3.19 9.66
C SER A 31 -10.79 3.13 9.73
N VAL A 32 -9.93 4.09 9.38
CA VAL A 32 -9.46 4.29 8.01
C VAL A 32 -8.09 3.64 7.89
N HIS A 33 -8.10 2.34 7.55
N HIS A 33 -8.08 2.34 7.55
CA HIS A 33 -6.85 1.62 7.28
CA HIS A 33 -6.83 1.62 7.28
C HIS A 33 -6.41 1.83 5.84
C HIS A 33 -6.42 1.71 5.82
N SER A 34 -7.37 1.89 4.92
CA SER A 34 -7.10 2.10 3.52
C SER A 34 -6.23 3.34 3.31
N SER A 35 -5.39 3.29 2.27
CA SER A 35 -4.46 4.37 1.96
C SER A 35 -5.04 5.24 0.84
N PRO A 36 -5.06 6.56 1.00
CA PRO A 36 -5.77 7.40 0.03
C PRO A 36 -5.08 7.46 -1.34
N ALA A 37 -5.90 7.71 -2.36
CA ALA A 37 -5.42 8.01 -3.71
C ALA A 37 -6.00 9.34 -4.13
N ILE A 38 -5.26 10.08 -4.95
CA ILE A 38 -5.63 11.44 -5.32
C ILE A 38 -5.89 11.49 -6.82
N GLY A 39 -7.10 11.91 -7.20
CA GLY A 39 -7.44 12.03 -8.60
C GLY A 39 -6.86 13.27 -9.26
N GLN A 40 -7.03 13.33 -10.58
CA GLN A 40 -6.50 14.47 -11.34
C GLN A 40 -7.09 15.80 -10.91
N ASP A 41 -8.37 15.81 -10.51
CA ASP A 41 -9.00 17.06 -10.08
C ASP A 41 -8.80 17.32 -8.59
N GLY A 42 -7.99 16.51 -7.92
CA GLY A 42 -7.73 16.70 -6.51
C GLY A 42 -8.63 15.91 -5.57
N THR A 43 -9.66 15.22 -6.08
CA THR A 43 -10.49 14.38 -5.23
C THR A 43 -9.62 13.35 -4.52
N ILE A 44 -9.88 13.15 -3.23
CA ILE A 44 -9.18 12.16 -2.43
C ILE A 44 -10.11 10.98 -2.18
N TYR A 45 -9.68 9.79 -2.56
CA TYR A 45 -10.47 8.57 -2.40
C TYR A 45 -9.84 7.69 -1.33
N VAL A 46 -10.66 7.15 -0.43
CA VAL A 46 -10.14 6.26 0.60
C VAL A 46 -11.25 5.35 1.07
N GLY A 47 -10.91 4.11 1.40
CA GLY A 47 -11.84 3.21 2.02
C GLY A 47 -11.91 3.38 3.52
N SER A 48 -12.99 2.87 4.12
CA SER A 48 -13.15 2.87 5.57
C SER A 48 -13.66 1.52 6.03
N ASN A 49 -13.36 1.19 7.29
N ASN A 49 -13.38 1.18 7.30
CA ASN A 49 -13.90 0.02 7.98
CA ASN A 49 -13.95 -0.04 7.85
C ASN A 49 -15.42 0.05 8.07
C ASN A 49 -15.46 0.02 7.94
N ASP A 50 -16.06 1.20 7.81
CA ASP A 50 -17.50 1.33 7.83
C ASP A 50 -18.17 0.83 6.55
N HIS A 51 -17.39 0.25 5.62
CA HIS A 51 -17.83 -0.43 4.39
C HIS A 51 -17.88 0.49 3.18
N TYR A 52 -17.62 1.79 3.32
CA TYR A 52 -17.75 2.73 2.21
C TYR A 52 -16.40 3.03 1.59
N LEU A 53 -16.43 3.28 0.27
CA LEU A 53 -15.38 4.04 -0.41
C LEU A 53 -15.80 5.50 -0.39
N TYR A 54 -14.95 6.36 0.13
CA TYR A 54 -15.21 7.79 0.20
C TYR A 54 -14.50 8.53 -0.92
N ALA A 55 -15.18 9.54 -1.46
CA ALA A 55 -14.58 10.55 -2.34
C ALA A 55 -14.75 11.88 -1.62
N ILE A 56 -13.63 12.52 -1.29
CA ILE A 56 -13.61 13.75 -0.51
C ILE A 56 -13.04 14.85 -1.39
N ASN A 57 -13.70 16.01 -1.40
CA ASN A 57 -13.19 17.14 -2.16
C ASN A 57 -11.95 17.73 -1.50
N PRO A 58 -11.12 18.45 -2.25
CA PRO A 58 -9.93 19.10 -1.65
C PRO A 58 -10.23 19.98 -0.45
N ASN A 59 -11.45 20.52 -0.36
CA ASN A 59 -11.83 21.36 0.77
C ASN A 59 -12.28 20.55 1.99
N GLY A 60 -12.21 19.23 1.94
CA GLY A 60 -12.56 18.41 3.08
C GLY A 60 -14.02 18.07 3.22
N LYS A 61 -14.86 18.44 2.26
CA LYS A 61 -16.27 18.10 2.30
C LYS A 61 -16.52 16.87 1.43
N LEU A 62 -17.50 16.07 1.84
CA LEU A 62 -17.86 14.86 1.12
C LEU A 62 -18.29 15.17 -0.31
N LYS A 63 -17.68 14.46 -1.27
CA LYS A 63 -18.19 14.41 -2.64
C LYS A 63 -19.25 13.34 -2.77
N TRP A 64 -18.89 12.09 -2.45
CA TRP A 64 -19.84 10.99 -2.36
C TRP A 64 -19.19 9.86 -1.57
N LYS A 65 -20.02 8.89 -1.18
CA LYS A 65 -19.57 7.66 -0.54
C LYS A 65 -20.33 6.51 -1.17
N PHE A 66 -19.62 5.41 -1.44
CA PHE A 66 -20.20 4.26 -2.10
C PHE A 66 -20.16 3.07 -1.15
N GLU A 67 -21.33 2.53 -0.81
CA GLU A 67 -21.39 1.45 0.17
C GLU A 67 -21.10 0.11 -0.50
N THR A 68 -20.04 -0.57 -0.04
CA THR A 68 -19.82 -1.97 -0.40
C THR A 68 -20.43 -2.85 0.69
N GLY A 69 -20.30 -4.16 0.54
CA GLY A 69 -20.82 -5.10 1.50
C GLY A 69 -19.97 -5.35 2.72
N GLY A 70 -18.77 -4.76 2.80
CA GLY A 70 -17.92 -5.01 3.95
C GLY A 70 -16.82 -3.99 4.02
N SER A 71 -15.90 -4.19 4.98
N SER A 71 -15.94 -4.14 5.01
CA SER A 71 -14.86 -3.20 5.21
CA SER A 71 -14.90 -3.15 5.26
C SER A 71 -14.03 -2.98 3.96
C SER A 71 -13.97 -2.98 4.06
N VAL A 72 -13.66 -1.73 3.73
CA VAL A 72 -12.79 -1.41 2.60
C VAL A 72 -11.42 -1.11 3.15
N HIS A 73 -10.59 -2.17 3.28
N HIS A 73 -10.60 -2.17 3.30
CA HIS A 73 -9.21 -2.03 3.73
CA HIS A 73 -9.21 -2.00 3.72
C HIS A 73 -8.26 -1.85 2.57
C HIS A 73 -8.31 -1.76 2.54
N SER A 74 -8.64 -2.34 1.39
CA SER A 74 -7.88 -2.16 0.17
C SER A 74 -7.75 -0.67 -0.15
N SER A 75 -6.64 -0.30 -0.79
CA SER A 75 -6.35 1.10 -1.13
C SER A 75 -6.68 1.36 -2.59
N PRO A 76 -7.44 2.41 -2.90
CA PRO A 76 -7.92 2.58 -4.28
C PRO A 76 -6.81 2.91 -5.28
N ALA A 77 -7.05 2.52 -6.52
CA ALA A 77 -6.23 2.92 -7.66
C ALA A 77 -7.11 3.60 -8.69
N ILE A 78 -6.55 4.56 -9.42
CA ILE A 78 -7.32 5.41 -10.33
C ILE A 78 -6.83 5.15 -11.75
N GLY A 79 -7.75 4.78 -12.64
CA GLY A 79 -7.39 4.53 -14.02
C GLY A 79 -7.29 5.80 -14.85
N GLN A 80 -6.85 5.61 -16.10
CA GLN A 80 -6.64 6.74 -17.00
C GLN A 80 -7.93 7.51 -17.26
N ASP A 81 -9.06 6.82 -17.32
CA ASP A 81 -10.34 7.48 -17.57
C ASP A 81 -11.03 7.95 -16.29
N GLY A 82 -10.36 7.83 -15.14
CA GLY A 82 -10.91 8.27 -13.88
C GLY A 82 -11.60 7.20 -13.07
N THR A 83 -11.77 5.99 -13.61
CA THR A 83 -12.37 4.91 -12.84
C THR A 83 -11.57 4.65 -11.58
N ILE A 84 -12.27 4.46 -10.47
CA ILE A 84 -11.65 4.15 -9.18
C ILE A 84 -11.87 2.67 -8.89
N TYR A 85 -10.78 1.95 -8.68
CA TYR A 85 -10.84 0.52 -8.36
C TYR A 85 -10.44 0.30 -6.92
N VAL A 86 -11.18 -0.57 -6.22
CA VAL A 86 -10.84 -0.88 -4.83
C VAL A 86 -11.42 -2.24 -4.48
N GLY A 87 -10.70 -3.00 -3.66
CA GLY A 87 -11.25 -4.21 -3.11
C GLY A 87 -12.08 -3.98 -1.87
N SER A 88 -12.90 -4.96 -1.55
CA SER A 88 -13.68 -4.95 -0.33
C SER A 88 -13.58 -6.29 0.37
N ASN A 89 -13.78 -6.28 1.69
N ASN A 89 -13.79 -6.26 1.70
CA ASN A 89 -13.81 -7.54 2.42
CA ASN A 89 -13.88 -7.45 2.51
C ASN A 89 -15.05 -8.36 2.08
C ASN A 89 -15.06 -8.33 2.11
N ASP A 90 -15.99 -7.81 1.32
CA ASP A 90 -17.14 -8.57 0.82
C ASP A 90 -16.80 -9.49 -0.35
N HIS A 91 -15.53 -9.56 -0.75
CA HIS A 91 -14.94 -10.46 -1.75
C HIS A 91 -14.88 -9.85 -3.15
N TYR A 92 -15.44 -8.66 -3.36
CA TYR A 92 -15.49 -8.06 -4.68
C TYR A 92 -14.35 -7.07 -4.92
N LEU A 93 -13.92 -6.99 -6.18
CA LEU A 93 -13.20 -5.84 -6.68
C LEU A 93 -14.22 -4.90 -7.31
N TYR A 94 -14.23 -3.64 -6.87
CA TYR A 94 -15.17 -2.65 -7.37
C TYR A 94 -14.48 -1.73 -8.37
N ALA A 95 -15.21 -1.39 -9.44
CA ALA A 95 -14.84 -0.33 -10.36
C ALA A 95 -15.94 0.71 -10.30
N ILE A 96 -15.62 1.90 -9.83
CA ILE A 96 -16.59 2.97 -9.57
C ILE A 96 -16.29 4.13 -10.50
N ASN A 97 -17.33 4.69 -11.12
CA ASN A 97 -17.16 5.86 -11.98
C ASN A 97 -16.87 7.09 -11.12
N PRO A 98 -16.26 8.13 -11.72
CA PRO A 98 -15.99 9.36 -10.96
C PRO A 98 -17.22 9.97 -10.31
N ASN A 99 -18.42 9.69 -10.80
CA ASN A 99 -19.63 10.22 -10.21
C ASN A 99 -20.17 9.37 -9.07
N GLY A 100 -19.45 8.31 -8.66
CA GLY A 100 -19.87 7.51 -7.55
C GLY A 100 -20.87 6.42 -7.87
N LYS A 101 -21.17 6.20 -9.15
CA LYS A 101 -22.01 5.10 -9.57
C LYS A 101 -21.14 3.92 -10.02
N LEU A 102 -21.67 2.72 -9.78
CA LEU A 102 -20.93 1.51 -10.10
C LEU A 102 -20.70 1.40 -11.61
N LYS A 103 -19.45 1.09 -11.99
CA LYS A 103 -19.17 0.62 -13.34
C LYS A 103 -19.37 -0.90 -13.42
N TRP A 104 -18.64 -1.65 -12.59
CA TRP A 104 -18.87 -3.08 -12.43
C TRP A 104 -18.23 -3.51 -11.12
N LYS A 105 -18.62 -4.70 -10.66
CA LYS A 105 -17.95 -5.37 -9.56
C LYS A 105 -17.64 -6.80 -9.98
N PHE A 106 -16.48 -7.31 -9.56
CA PHE A 106 -16.05 -8.66 -9.89
C PHE A 106 -15.88 -9.46 -8.61
N GLU A 107 -16.58 -10.59 -8.49
CA GLU A 107 -16.54 -11.39 -7.28
C GLU A 107 -15.36 -12.36 -7.31
N THR A 108 -14.46 -12.22 -6.34
CA THR A 108 -13.44 -13.24 -6.10
C THR A 108 -13.95 -14.24 -5.07
N GLY A 109 -13.11 -15.21 -4.73
CA GLY A 109 -13.51 -16.20 -3.75
C GLY A 109 -13.35 -15.79 -2.30
N GLY A 110 -12.77 -14.62 -2.02
CA GLY A 110 -12.51 -14.24 -0.65
C GLY A 110 -12.28 -12.74 -0.54
N SER A 111 -11.99 -12.30 0.69
N SER A 111 -12.04 -12.29 0.68
CA SER A 111 -11.77 -10.89 0.96
CA SER A 111 -11.86 -10.86 0.94
C SER A 111 -10.69 -10.32 0.05
C SER A 111 -10.70 -10.27 0.15
N VAL A 112 -10.93 -9.11 -0.44
CA VAL A 112 -9.92 -8.43 -1.26
C VAL A 112 -9.30 -7.31 -0.44
N HIS A 113 -8.26 -7.68 0.34
N HIS A 113 -8.25 -7.66 0.31
CA HIS A 113 -7.47 -6.70 1.08
CA HIS A 113 -7.49 -6.68 1.08
C HIS A 113 -6.42 -6.03 0.20
C HIS A 113 -6.33 -6.08 0.28
N SER A 114 -5.83 -6.81 -0.70
CA SER A 114 -4.81 -6.30 -1.60
C SER A 114 -5.33 -5.07 -2.35
N SER A 115 -4.40 -4.16 -2.67
CA SER A 115 -4.72 -2.91 -3.36
C SER A 115 -4.42 -3.04 -4.85
N PRO A 116 -5.35 -2.68 -5.74
CA PRO A 116 -5.14 -2.93 -7.17
C PRO A 116 -4.04 -2.10 -7.80
N ALA A 117 -3.45 -2.66 -8.86
CA ALA A 117 -2.53 -1.95 -9.73
C ALA A 117 -3.05 -2.03 -11.16
N ILE A 118 -2.80 -0.98 -11.94
CA ILE A 118 -3.35 -0.86 -13.27
C ILE A 118 -2.22 -0.90 -14.29
N GLY A 119 -2.32 -1.83 -15.26
CA GLY A 119 -1.34 -1.92 -16.32
C GLY A 119 -1.51 -0.86 -17.38
N GLN A 120 -0.55 -0.81 -18.31
CA GLN A 120 -0.63 0.19 -19.38
C GLN A 120 -1.83 -0.04 -20.31
N ASP A 121 -2.26 -1.29 -20.48
CA ASP A 121 -3.41 -1.58 -21.31
C ASP A 121 -4.73 -1.54 -20.54
N GLY A 122 -4.68 -1.11 -19.28
CA GLY A 122 -5.88 -1.01 -18.47
C GLY A 122 -6.21 -2.24 -17.65
N THR A 123 -5.46 -3.33 -17.81
CA THR A 123 -5.69 -4.50 -16.98
C THR A 123 -5.53 -4.13 -15.52
N ILE A 124 -6.45 -4.61 -14.68
CA ILE A 124 -6.41 -4.36 -13.24
C ILE A 124 -5.96 -5.64 -12.54
N TYR A 125 -4.91 -5.54 -11.74
CA TYR A 125 -4.37 -6.69 -11.01
C TYR A 125 -4.62 -6.51 -9.52
N VAL A 126 -5.05 -7.59 -8.85
CA VAL A 126 -5.28 -7.51 -7.41
C VAL A 126 -5.21 -8.92 -6.83
N GLY A 127 -4.70 -9.01 -5.60
CA GLY A 127 -4.75 -10.26 -4.87
C GLY A 127 -6.06 -10.45 -4.13
N SER A 128 -6.33 -11.70 -3.77
CA SER A 128 -7.49 -12.06 -2.95
C SER A 128 -7.08 -13.01 -1.83
N ASN A 129 -7.85 -12.96 -0.74
N ASN A 129 -7.84 -12.98 -0.75
CA ASN A 129 -7.74 -13.93 0.35
CA ASN A 129 -7.56 -13.96 0.30
C ASN A 129 -7.91 -15.36 -0.14
C ASN A 129 -7.93 -15.37 -0.11
N ASP A 130 -8.51 -15.56 -1.30
CA ASP A 130 -8.74 -16.91 -1.85
C ASP A 130 -7.48 -17.53 -2.44
N HIS A 131 -6.33 -16.86 -2.33
CA HIS A 131 -4.97 -17.32 -2.69
C HIS A 131 -4.58 -16.92 -4.11
N TYR A 132 -5.46 -16.30 -4.89
CA TYR A 132 -5.17 -15.98 -6.29
C TYR A 132 -4.74 -14.54 -6.47
N LEU A 133 -3.88 -14.34 -7.46
CA LEU A 133 -3.68 -13.03 -8.08
C LEU A 133 -4.60 -12.95 -9.29
N TYR A 134 -5.42 -11.91 -9.34
CA TYR A 134 -6.38 -11.73 -10.43
C TYR A 134 -5.88 -10.69 -11.41
N ALA A 135 -6.11 -10.95 -12.70
CA ALA A 135 -5.98 -9.96 -13.76
C ALA A 135 -7.36 -9.79 -14.38
N ILE A 136 -7.92 -8.58 -14.28
CA ILE A 136 -9.27 -8.27 -14.74
C ILE A 136 -9.18 -7.28 -15.89
N ASN A 137 -9.92 -7.55 -16.96
CA ASN A 137 -9.97 -6.63 -18.08
C ASN A 137 -10.73 -5.36 -17.71
N PRO A 138 -10.48 -4.26 -18.43
CA PRO A 138 -11.23 -3.01 -18.16
C PRO A 138 -12.74 -3.17 -18.18
N ASN A 139 -13.27 -4.15 -18.92
CA ASN A 139 -14.70 -4.38 -18.99
C ASN A 139 -15.24 -5.20 -17.83
N GLY A 140 -14.39 -5.58 -16.88
CA GLY A 140 -14.83 -6.32 -15.71
C GLY A 140 -14.84 -7.83 -15.87
N LYS A 141 -14.42 -8.34 -17.02
CA LYS A 141 -14.31 -9.78 -17.21
C LYS A 141 -12.91 -10.27 -16.82
N LEU A 142 -12.87 -11.48 -16.30
CA LEU A 142 -11.60 -12.11 -15.94
C LEU A 142 -10.71 -12.26 -17.15
N LYS A 143 -9.45 -11.82 -17.02
CA LYS A 143 -8.44 -12.16 -18.01
C LYS A 143 -7.75 -13.46 -17.62
N TRP A 144 -7.20 -13.51 -16.41
CA TRP A 144 -6.69 -14.76 -15.85
C TRP A 144 -6.58 -14.62 -14.34
N LYS A 145 -6.36 -15.75 -13.68
CA LYS A 145 -6.09 -15.79 -12.26
C LYS A 145 -4.97 -16.79 -12.00
N PHE A 146 -4.05 -16.42 -11.12
CA PHE A 146 -2.89 -17.26 -10.82
C PHE A 146 -2.95 -17.71 -9.38
N GLU A 147 -2.90 -19.03 -9.15
CA GLU A 147 -3.02 -19.57 -7.79
C GLU A 147 -1.67 -19.59 -7.09
N THR A 148 -1.56 -18.87 -5.98
CA THR A 148 -0.43 -19.05 -5.08
C THR A 148 -0.82 -20.05 -3.99
N GLY A 149 0.09 -20.30 -3.05
CA GLY A 149 -0.18 -21.25 -2.00
C GLY A 149 -0.90 -20.69 -0.79
N GLY A 150 -1.21 -19.39 -0.78
CA GLY A 150 -1.85 -18.81 0.38
C GLY A 150 -2.43 -17.46 0.03
N SER A 151 -3.03 -16.82 1.02
N SER A 151 -3.01 -16.81 1.04
CA SER A 151 -3.75 -15.57 0.77
CA SER A 151 -3.68 -15.54 0.82
C SER A 151 -2.81 -14.49 0.23
C SER A 151 -2.75 -14.51 0.18
N VAL A 152 -3.30 -13.74 -0.76
CA VAL A 152 -2.52 -12.68 -1.40
C VAL A 152 -3.01 -11.34 -0.85
N HIS A 153 -2.40 -10.91 0.25
N HIS A 153 -2.43 -10.93 0.29
CA HIS A 153 -2.71 -9.62 0.85
CA HIS A 153 -2.70 -9.62 0.87
C HIS A 153 -1.78 -8.52 0.38
C HIS A 153 -1.84 -8.54 0.21
N SER A 154 -0.60 -8.89 -0.12
CA SER A 154 0.31 -7.96 -0.77
C SER A 154 -0.34 -7.35 -2.01
N SER A 155 0.06 -6.12 -2.32
CA SER A 155 -0.48 -5.38 -3.45
C SER A 155 0.50 -5.43 -4.61
N PRO A 156 0.05 -5.77 -5.82
CA PRO A 156 0.99 -6.01 -6.93
C PRO A 156 1.67 -4.74 -7.40
N ALA A 157 2.87 -4.94 -7.96
CA ALA A 157 3.60 -3.91 -8.68
C ALA A 157 3.85 -4.41 -10.10
N ILE A 158 3.82 -3.48 -11.06
CA ILE A 158 3.97 -3.81 -12.47
C ILE A 158 5.29 -3.23 -12.98
N GLY A 159 6.13 -4.09 -13.56
CA GLY A 159 7.40 -3.65 -14.11
C GLY A 159 7.25 -2.97 -15.47
N GLN A 160 8.36 -2.40 -15.93
CA GLN A 160 8.39 -1.76 -17.25
C GLN A 160 7.96 -2.71 -18.35
N ASP A 161 8.35 -3.98 -18.23
N ASP A 161 8.34 -3.98 -18.23
CA ASP A 161 8.07 -4.98 -19.26
CA ASP A 161 8.06 -4.94 -19.28
C ASP A 161 6.73 -5.66 -19.08
C ASP A 161 6.75 -5.67 -19.07
N GLY A 162 5.96 -5.27 -18.07
CA GLY A 162 4.67 -5.86 -17.81
C GLY A 162 4.68 -6.95 -16.76
N THR A 163 5.84 -7.35 -16.25
CA THR A 163 5.87 -8.36 -15.19
C THR A 163 5.09 -7.86 -13.99
N ILE A 164 4.30 -8.74 -13.39
CA ILE A 164 3.53 -8.42 -12.19
C ILE A 164 4.19 -9.13 -11.02
N TYR A 165 4.56 -8.36 -10.00
CA TYR A 165 5.19 -8.89 -8.79
C TYR A 165 4.23 -8.75 -7.62
N VAL A 166 4.14 -9.79 -6.80
CA VAL A 166 3.24 -9.74 -5.64
C VAL A 166 3.73 -10.76 -4.61
N GLY A 167 3.59 -10.41 -3.33
CA GLY A 167 3.85 -11.35 -2.28
C GLY A 167 2.65 -12.22 -1.99
N SER A 168 2.92 -13.34 -1.32
CA SER A 168 1.86 -14.22 -0.84
C SER A 168 2.14 -14.64 0.59
N ASN A 169 1.06 -14.96 1.31
N ASN A 169 1.05 -14.96 1.31
CA ASN A 169 1.23 -15.46 2.66
CA ASN A 169 1.13 -15.51 2.65
C ASN A 169 1.89 -16.85 2.69
C ASN A 169 1.89 -16.83 2.68
N ASP A 170 2.09 -17.47 1.53
CA ASP A 170 2.86 -18.72 1.43
C ASP A 170 4.37 -18.52 1.51
N HIS A 171 4.85 -17.29 1.73
CA HIS A 171 6.24 -16.89 1.98
C HIS A 171 6.98 -16.48 0.72
N TYR A 172 6.37 -16.58 -0.46
CA TYR A 172 7.08 -16.29 -1.70
C TYR A 172 6.75 -14.90 -2.23
N LEU A 173 7.73 -14.30 -2.90
CA LEU A 173 7.51 -13.21 -3.82
C LEU A 173 7.35 -13.82 -5.21
N TYR A 174 6.24 -13.54 -5.87
CA TYR A 174 5.94 -14.07 -7.20
C TYR A 174 6.24 -13.05 -8.28
N ALA A 175 6.80 -13.52 -9.40
CA ALA A 175 6.90 -12.75 -10.63
C ALA A 175 6.08 -13.48 -11.68
N ILE A 176 5.03 -12.83 -12.17
CA ILE A 176 4.08 -13.42 -13.13
C ILE A 176 4.19 -12.66 -14.45
N ASN A 177 4.23 -13.40 -15.55
N ASN A 177 4.26 -13.41 -15.56
CA ASN A 177 4.29 -12.80 -16.87
CA ASN A 177 4.31 -12.76 -16.86
C ASN A 177 2.93 -12.19 -17.24
C ASN A 177 2.94 -12.20 -17.25
N PRO A 178 2.89 -11.30 -18.24
CA PRO A 178 1.59 -10.72 -18.64
C PRO A 178 0.54 -11.75 -19.04
N ASN A 179 0.96 -12.95 -19.47
CA ASN A 179 0.04 -14.02 -19.82
C ASN A 179 -0.45 -14.82 -18.63
N GLY A 180 -0.07 -14.45 -17.41
CA GLY A 180 -0.54 -15.17 -16.25
C GLY A 180 0.23 -16.42 -15.90
N LYS A 181 1.35 -16.68 -16.56
CA LYS A 181 2.18 -17.83 -16.20
C LYS A 181 3.32 -17.42 -15.27
N LEU A 182 3.73 -18.36 -14.43
CA LEU A 182 4.82 -18.11 -13.50
C LEU A 182 6.11 -17.81 -14.24
N LYS A 183 6.74 -16.70 -13.90
CA LYS A 183 8.11 -16.47 -14.34
C LYS A 183 9.09 -17.04 -13.30
N TRP A 184 8.96 -16.64 -12.05
CA TRP A 184 9.69 -17.26 -10.95
C TRP A 184 8.99 -16.91 -9.65
N LYS A 185 9.35 -17.66 -8.60
CA LYS A 185 8.94 -17.36 -7.24
C LYS A 185 10.18 -17.43 -6.37
N PHE A 186 10.30 -16.47 -5.45
CA PHE A 186 11.44 -16.37 -4.56
C PHE A 186 10.98 -16.65 -3.12
N GLU A 187 11.60 -17.64 -2.47
CA GLU A 187 11.16 -18.03 -1.13
C GLU A 187 11.83 -17.14 -0.07
N THR A 188 11.02 -16.40 0.69
CA THR A 188 11.52 -15.76 1.90
C THR A 188 11.26 -16.68 3.09
N GLY A 189 11.64 -16.24 4.28
CA GLY A 189 11.44 -17.03 5.49
C GLY A 189 10.06 -16.94 6.11
N GLY A 190 9.17 -16.10 5.58
CA GLY A 190 7.88 -15.93 6.20
C GLY A 190 6.92 -15.25 5.24
N SER A 191 5.69 -15.02 5.72
N SER A 191 5.70 -15.03 5.72
CA SER A 191 4.66 -14.48 4.86
CA SER A 191 4.66 -14.45 4.88
C SER A 191 5.05 -13.11 4.30
C SER A 191 5.11 -13.11 4.29
N VAL A 192 4.73 -12.87 3.04
CA VAL A 192 5.06 -11.62 2.36
C VAL A 192 3.78 -10.80 2.24
N HIS A 193 3.50 -10.01 3.28
N HIS A 193 3.50 -9.99 3.27
CA HIS A 193 2.37 -9.07 3.24
CA HIS A 193 2.36 -9.08 3.24
C HIS A 193 2.76 -7.78 2.56
C HIS A 193 2.74 -7.72 2.66
N SER A 194 4.01 -7.36 2.76
CA SER A 194 4.52 -6.13 2.17
C SER A 194 4.31 -6.15 0.66
N SER A 195 4.10 -4.97 0.09
CA SER A 195 3.85 -4.79 -1.34
C SER A 195 5.13 -4.35 -2.03
N PRO A 196 5.53 -5.02 -3.12
CA PRO A 196 6.86 -4.74 -3.70
C PRO A 196 6.94 -3.37 -4.36
N ALA A 197 8.19 -2.88 -4.43
CA ALA A 197 8.53 -1.68 -5.20
C ALA A 197 9.67 -2.02 -6.14
N ILE A 198 9.68 -1.40 -7.31
CA ILE A 198 10.64 -1.70 -8.37
C ILE A 198 11.58 -0.52 -8.55
N GLY A 199 12.90 -0.78 -8.44
CA GLY A 199 13.89 0.25 -8.65
C GLY A 199 14.15 0.53 -10.11
N GLN A 200 14.94 1.58 -10.35
CA GLN A 200 15.22 2.00 -11.72
C GLN A 200 15.96 0.93 -12.52
N ASP A 201 16.79 0.12 -11.86
CA ASP A 201 17.50 -0.95 -12.55
C ASP A 201 16.73 -2.26 -12.57
N GLY A 202 15.48 -2.25 -12.12
CA GLY A 202 14.65 -3.43 -12.11
C GLY A 202 14.69 -4.24 -10.83
N THR A 203 15.55 -3.89 -9.87
CA THR A 203 15.55 -4.59 -8.59
C THR A 203 14.17 -4.49 -7.95
N ILE A 204 13.69 -5.59 -7.38
CA ILE A 204 12.40 -5.65 -6.71
C ILE A 204 12.65 -5.71 -5.21
N TYR A 205 12.09 -4.77 -4.47
CA TYR A 205 12.24 -4.71 -3.02
C TYR A 205 10.93 -5.08 -2.35
N VAL A 206 10.99 -5.91 -1.31
CA VAL A 206 9.79 -6.26 -0.57
C VAL A 206 10.18 -6.69 0.84
N GLY A 207 9.33 -6.34 1.81
CA GLY A 207 9.51 -6.85 3.16
C GLY A 207 8.92 -8.24 3.34
N SER A 208 9.37 -8.91 4.39
CA SER A 208 8.83 -10.20 4.76
C SER A 208 8.58 -10.25 6.26
N ASN A 209 7.65 -11.13 6.64
N ASN A 209 7.65 -11.11 6.66
CA ASN A 209 7.37 -11.43 8.04
CA ASN A 209 7.45 -11.25 8.10
C ASN A 209 8.56 -12.04 8.76
C ASN A 209 8.62 -11.94 8.78
N ASP A 210 9.60 -12.45 8.02
CA ASP A 210 10.82 -12.99 8.61
C ASP A 210 11.78 -11.91 9.11
N HIS A 211 11.41 -10.63 9.03
CA HIS A 211 12.09 -9.45 9.58
C HIS A 211 13.01 -8.79 8.57
N TYR A 212 13.16 -9.34 7.37
CA TYR A 212 14.09 -8.79 6.38
C TYR A 212 13.38 -7.93 5.36
N LEU A 213 14.10 -6.91 4.88
CA LEU A 213 13.81 -6.26 3.61
C LEU A 213 14.64 -6.97 2.54
N TYR A 214 13.98 -7.48 1.50
CA TYR A 214 14.65 -8.20 0.43
C TYR A 214 14.83 -7.29 -0.77
N ALA A 215 15.97 -7.44 -1.44
CA ALA A 215 16.21 -6.91 -2.78
C ALA A 215 16.45 -8.11 -3.68
N ILE A 216 15.57 -8.28 -4.68
CA ILE A 216 15.63 -9.41 -5.60
C ILE A 216 15.96 -8.90 -7.00
N ASN A 217 16.88 -9.58 -7.68
CA ASN A 217 17.19 -9.22 -9.05
C ASN A 217 16.04 -9.60 -9.98
N PRO A 218 15.96 -8.98 -11.17
CA PRO A 218 14.89 -9.35 -12.12
C PRO A 218 14.86 -10.82 -12.48
N ASN A 219 15.98 -11.54 -12.37
CA ASN A 219 16.03 -12.97 -12.66
C ASN A 219 15.54 -13.85 -11.50
N GLY A 220 15.10 -13.25 -10.40
CA GLY A 220 14.59 -13.99 -9.28
C GLY A 220 15.64 -14.47 -8.29
N LYS A 221 16.90 -14.10 -8.49
CA LYS A 221 17.96 -14.44 -7.55
C LYS A 221 18.17 -13.31 -6.55
N LEU A 222 18.54 -13.69 -5.33
CA LEU A 222 18.74 -12.72 -4.27
C LEU A 222 19.81 -11.69 -4.65
N LYS A 223 19.49 -10.41 -4.48
CA LYS A 223 20.53 -9.38 -4.50
C LYS A 223 21.10 -9.16 -3.10
N TRP A 224 20.25 -8.80 -2.15
CA TRP A 224 20.66 -8.76 -0.74
C TRP A 224 19.41 -8.81 0.12
N LYS A 225 19.62 -9.05 1.42
CA LYS A 225 18.55 -9.01 2.40
C LYS A 225 19.07 -8.27 3.62
N PHE A 226 18.29 -7.32 4.12
CA PHE A 226 18.68 -6.50 5.25
C PHE A 226 17.79 -6.84 6.44
N GLU A 227 18.39 -7.22 7.56
CA GLU A 227 17.64 -7.66 8.72
C GLU A 227 17.23 -6.49 9.60
N THR A 228 15.91 -6.28 9.76
CA THR A 228 15.42 -5.39 10.79
C THR A 228 15.15 -6.19 12.05
N GLY A 229 14.66 -5.51 13.10
CA GLY A 229 14.36 -6.17 14.35
C GLY A 229 13.01 -6.84 14.43
N GLY A 230 12.17 -6.76 13.40
CA GLY A 230 10.85 -7.33 13.48
C GLY A 230 10.25 -7.44 12.09
N SER A 231 9.02 -7.94 12.03
N SER A 231 9.02 -7.93 12.04
CA SER A 231 8.39 -8.22 10.75
CA SER A 231 8.35 -8.17 10.76
C SER A 231 8.23 -6.95 9.93
C SER A 231 8.30 -6.90 9.93
N VAL A 232 8.51 -7.04 8.63
CA VAL A 232 8.44 -5.91 7.71
C VAL A 232 7.14 -6.04 6.91
N HIS A 233 6.07 -5.46 7.44
N HIS A 233 6.07 -5.48 7.45
CA HIS A 233 4.79 -5.46 6.74
CA HIS A 233 4.79 -5.44 6.74
C HIS A 233 4.59 -4.18 5.92
C HIS A 233 4.67 -4.21 5.85
N SER A 234 5.29 -3.11 6.28
CA SER A 234 5.31 -1.89 5.51
C SER A 234 5.85 -2.15 4.10
N SER A 235 5.40 -1.34 3.14
CA SER A 235 5.77 -1.49 1.74
C SER A 235 6.81 -0.44 1.38
N PRO A 236 7.92 -0.82 0.74
CA PRO A 236 9.02 0.13 0.53
C PRO A 236 8.68 1.23 -0.48
N ALA A 237 9.36 2.37 -0.30
CA ALA A 237 9.37 3.46 -1.26
C ALA A 237 10.81 3.77 -1.62
N ILE A 238 11.03 4.23 -2.85
CA ILE A 238 12.37 4.40 -3.39
C ILE A 238 12.59 5.88 -3.72
N GLY A 239 13.64 6.48 -3.14
CA GLY A 239 13.98 7.85 -3.43
C GLY A 239 14.74 8.02 -4.74
N GLN A 240 14.96 9.28 -5.12
CA GLN A 240 15.59 9.56 -6.40
C GLN A 240 17.01 9.02 -6.47
N ASP A 241 17.75 9.06 -5.35
CA ASP A 241 19.11 8.54 -5.33
C ASP A 241 19.16 7.04 -5.10
N GLY A 242 18.01 6.37 -5.08
CA GLY A 242 17.96 4.93 -4.91
C GLY A 242 17.76 4.47 -3.48
N THR A 243 17.76 5.38 -2.50
CA THR A 243 17.52 4.98 -1.12
C THR A 243 16.16 4.30 -1.02
N ILE A 244 16.11 3.20 -0.27
CA ILE A 244 14.88 2.45 -0.05
C ILE A 244 14.42 2.71 1.38
N TYR A 245 13.17 3.17 1.53
CA TYR A 245 12.60 3.45 2.84
C TYR A 245 11.51 2.43 3.15
N VAL A 246 11.51 1.92 4.37
CA VAL A 246 10.47 0.97 4.77
C VAL A 246 10.35 0.99 6.29
N GLY A 247 9.13 0.80 6.77
CA GLY A 247 8.91 0.63 8.19
C GLY A 247 9.10 -0.82 8.63
N SER A 248 9.29 -0.99 9.93
CA SER A 248 9.36 -2.30 10.53
C SER A 248 8.50 -2.35 11.78
N ASN A 249 8.03 -3.56 12.12
N ASN A 249 8.06 -3.57 12.12
CA ASN A 249 7.31 -3.70 13.38
CA ASN A 249 7.35 -3.84 13.37
C ASN A 249 8.21 -3.55 14.60
C ASN A 249 8.21 -3.52 14.59
N ASP A 250 9.53 -3.39 14.42
CA ASP A 250 10.43 -3.05 15.52
C ASP A 250 10.38 -1.56 15.90
N HIS A 251 9.49 -0.79 15.27
CA HIS A 251 9.17 0.62 15.58
C HIS A 251 9.95 1.62 14.75
N TYR A 252 10.89 1.17 13.93
CA TYR A 252 11.76 2.07 13.17
C TYR A 252 11.26 2.26 11.73
N LEU A 253 11.49 3.47 11.21
CA LEU A 253 11.54 3.71 9.78
C LEU A 253 13.00 3.55 9.34
N TYR A 254 13.23 2.69 8.34
CA TYR A 254 14.57 2.42 7.84
C TYR A 254 14.81 3.15 6.53
N ALA A 255 16.03 3.64 6.35
CA ALA A 255 16.53 4.11 5.07
C ALA A 255 17.73 3.24 4.72
N ILE A 256 17.62 2.50 3.62
CA ILE A 256 18.62 1.52 3.20
C ILE A 256 19.25 2.00 1.90
N ASN A 257 20.58 1.96 1.82
CA ASN A 257 21.27 2.30 0.59
C ASN A 257 21.03 1.22 -0.47
N PRO A 258 21.19 1.55 -1.76
CA PRO A 258 21.04 0.54 -2.82
C PRO A 258 21.93 -0.69 -2.67
N ASN A 259 23.04 -0.58 -1.96
CA ASN A 259 23.92 -1.71 -1.73
C ASN A 259 23.49 -2.57 -0.55
N GLY A 260 22.34 -2.28 0.06
CA GLY A 260 21.83 -3.08 1.16
C GLY A 260 22.39 -2.75 2.52
N LYS A 261 23.17 -1.68 2.64
CA LYS A 261 23.71 -1.26 3.93
C LYS A 261 22.84 -0.14 4.50
N LEU A 262 22.75 -0.10 5.83
CA LEU A 262 21.95 0.91 6.51
C LEU A 262 22.44 2.31 6.19
N LYS A 263 21.52 3.19 5.79
CA LYS A 263 21.81 4.62 5.77
C LYS A 263 21.47 5.26 7.11
N TRP A 264 20.22 5.13 7.55
CA TRP A 264 19.83 5.53 8.89
C TRP A 264 18.54 4.84 9.25
N LYS A 265 18.21 4.90 10.54
N LYS A 265 18.21 4.91 10.53
CA LYS A 265 16.94 4.40 11.05
CA LYS A 265 16.93 4.43 11.03
C LYS A 265 16.40 5.42 12.05
C LYS A 265 16.40 5.42 12.05
N PHE A 266 15.09 5.63 12.04
CA PHE A 266 14.45 6.59 12.92
C PHE A 266 13.43 5.86 13.78
N GLU A 267 13.55 6.02 15.10
CA GLU A 267 12.69 5.29 16.04
C GLU A 267 11.40 6.06 16.29
N THR A 268 10.27 5.47 15.93
CA THR A 268 8.98 5.97 16.39
C THR A 268 8.62 5.25 17.69
N GLY A 269 7.44 5.58 18.23
CA GLY A 269 6.96 4.98 19.46
C GLY A 269 6.28 3.64 19.31
N GLY A 270 6.08 3.14 18.10
CA GLY A 270 5.36 1.89 17.91
C GLY A 270 5.63 1.32 16.54
N SER A 271 5.00 0.18 16.26
N SER A 271 5.01 0.17 16.27
CA SER A 271 5.25 -0.52 15.01
CA SER A 271 5.24 -0.53 15.00
C SER A 271 4.90 0.36 13.81
C SER A 271 4.91 0.38 13.82
N VAL A 272 5.74 0.31 12.79
CA VAL A 272 5.53 1.09 11.57
C VAL A 272 5.00 0.15 10.49
N HIS A 273 3.67 -0.01 10.48
N HIS A 273 3.67 0.00 10.45
CA HIS A 273 3.00 -0.76 9.41
CA HIS A 273 3.05 -0.78 9.39
C HIS A 273 2.77 0.08 8.18
C HIS A 273 2.71 0.07 8.17
N SER A 274 2.47 1.36 8.38
CA SER A 274 2.24 2.30 7.30
C SER A 274 3.42 2.30 6.33
N SER A 275 3.13 2.55 5.04
CA SER A 275 4.13 2.55 3.98
C SER A 275 4.54 3.98 3.65
N PRO A 276 5.84 4.27 3.60
CA PRO A 276 6.26 5.67 3.46
C PRO A 276 5.91 6.26 2.10
N ALA A 277 5.74 7.59 2.11
CA ALA A 277 5.63 8.39 0.88
C ALA A 277 6.73 9.43 0.90
N ILE A 278 7.24 9.76 -0.29
CA ILE A 278 8.36 10.69 -0.43
C ILE A 278 7.87 11.95 -1.13
N GLY A 279 8.08 13.11 -0.49
CA GLY A 279 7.68 14.37 -1.08
C GLY A 279 8.66 14.87 -2.13
N GLN A 280 8.26 15.97 -2.78
CA GLN A 280 9.10 16.58 -3.82
C GLN A 280 10.46 17.00 -3.27
N ASP A 281 10.47 17.52 -2.04
CA ASP A 281 11.70 17.95 -1.38
C ASP A 281 12.46 16.82 -0.70
N GLY A 282 12.01 15.59 -0.84
CA GLY A 282 12.66 14.46 -0.21
C GLY A 282 12.16 14.12 1.17
N THR A 283 11.20 14.86 1.72
CA THR A 283 10.66 14.52 3.03
C THR A 283 10.00 13.15 2.95
N ILE A 284 10.22 12.33 3.98
CA ILE A 284 9.60 11.01 4.06
C ILE A 284 8.50 11.07 5.10
N TYR A 285 7.29 10.70 4.70
CA TYR A 285 6.14 10.68 5.58
C TYR A 285 5.71 9.25 5.84
N VAL A 286 5.39 8.94 7.09
CA VAL A 286 4.93 7.59 7.41
C VAL A 286 4.13 7.63 8.70
N GLY A 287 3.09 6.79 8.79
CA GLY A 287 2.37 6.63 10.03
C GLY A 287 3.02 5.61 10.95
N SER A 288 2.65 5.69 12.23
CA SER A 288 3.09 4.73 13.23
C SER A 288 1.91 4.26 14.07
N ASN A 289 2.06 3.06 14.62
N ASN A 289 2.02 3.06 14.62
CA ASN A 289 1.11 2.51 15.59
CA ASN A 289 0.97 2.63 15.54
C ASN A 289 1.03 3.35 16.85
C ASN A 289 0.95 3.44 16.81
N ASP A 290 1.97 4.28 17.06
CA ASP A 290 1.95 5.18 18.20
C ASP A 290 0.99 6.36 18.03
N HIS A 291 0.22 6.41 16.94
CA HIS A 291 -0.86 7.37 16.65
C HIS A 291 -0.38 8.57 15.85
N TYR A 292 0.90 8.71 15.57
CA TYR A 292 1.42 9.89 14.88
C TYR A 292 1.64 9.63 13.40
N LEU A 293 1.47 10.69 12.61
CA LEU A 293 2.06 10.79 11.28
C LEU A 293 3.40 11.49 11.42
N TYR A 294 4.46 10.88 10.91
CA TYR A 294 5.81 11.42 10.99
C TYR A 294 6.23 12.05 9.67
N ALA A 295 6.93 13.16 9.76
CA ALA A 295 7.65 13.75 8.64
C ALA A 295 9.12 13.75 8.99
N ILE A 296 9.92 13.01 8.22
CA ILE A 296 11.35 12.84 8.48
C ILE A 296 12.12 13.47 7.33
N ASN A 297 13.17 14.21 7.66
N ASN A 297 13.17 14.23 7.66
CA ASN A 297 13.98 14.84 6.62
CA ASN A 297 13.99 14.85 6.62
C ASN A 297 14.89 13.80 5.96
C ASN A 297 14.91 13.81 5.97
N PRO A 298 15.46 14.13 4.79
CA PRO A 298 16.34 13.16 4.11
C PRO A 298 17.52 12.69 4.95
N ASN A 299 17.95 13.45 5.95
N ASN A 299 17.95 13.47 5.95
CA ASN A 299 19.06 13.06 6.81
CA ASN A 299 19.05 13.11 6.84
C ASN A 299 18.61 12.20 8.00
C ASN A 299 18.61 12.23 8.00
N GLY A 300 17.34 11.83 8.05
CA GLY A 300 16.85 10.97 9.12
C GLY A 300 16.50 11.66 10.41
N LYS A 301 16.45 12.99 10.44
CA LYS A 301 16.02 13.72 11.62
C LYS A 301 14.56 14.11 11.52
N LEU A 302 13.90 14.17 12.67
CA LEU A 302 12.49 14.52 12.73
C LEU A 302 12.27 15.94 12.23
N LYS A 303 11.36 16.09 11.27
CA LYS A 303 10.87 17.42 10.92
C LYS A 303 9.70 17.78 11.82
N TRP A 304 8.66 16.95 11.84
CA TRP A 304 7.56 17.10 12.78
C TRP A 304 6.82 15.77 12.88
N LYS A 305 5.97 15.67 13.90
CA LYS A 305 5.04 14.57 14.05
C LYS A 305 3.68 15.13 14.41
N PHE A 306 2.63 14.54 13.84
CA PHE A 306 1.26 15.01 14.05
C PHE A 306 0.47 13.92 14.74
N GLU A 307 -0.05 14.20 15.94
CA GLU A 307 -0.75 13.19 16.71
C GLU A 307 -2.20 13.08 16.26
N THR A 308 -2.60 11.90 15.78
CA THR A 308 -4.00 11.59 15.58
C THR A 308 -4.54 10.89 16.82
N GLY A 309 -5.81 10.50 16.78
CA GLY A 309 -6.39 9.83 17.93
C GLY A 309 -6.17 8.33 18.00
N GLY A 310 -5.51 7.74 17.01
CA GLY A 310 -5.33 6.29 17.02
C GLY A 310 -4.22 5.91 16.06
N SER A 311 -3.98 4.60 15.97
N SER A 311 -3.96 4.61 15.99
CA SER A 311 -2.89 4.11 15.14
CA SER A 311 -2.85 4.12 15.20
C SER A 311 -3.03 4.61 13.71
C SER A 311 -2.99 4.50 13.72
N VAL A 312 -1.90 4.96 13.12
CA VAL A 312 -1.87 5.37 11.71
C VAL A 312 -1.28 4.22 10.91
N HIS A 313 -2.14 3.30 10.49
N HIS A 313 -2.14 3.28 10.51
CA HIS A 313 -1.74 2.18 9.65
CA HIS A 313 -1.74 2.18 9.65
C HIS A 313 -1.88 2.50 8.17
C HIS A 313 -1.81 2.57 8.18
N SER A 314 -2.75 3.44 7.84
CA SER A 314 -2.89 3.95 6.48
C SER A 314 -1.57 4.55 6.00
N SER A 315 -1.33 4.46 4.68
CA SER A 315 -0.11 4.97 4.07
C SER A 315 -0.37 6.32 3.44
N PRO A 316 0.45 7.33 3.71
CA PRO A 316 0.11 8.69 3.26
C PRO A 316 0.21 8.86 1.75
N ALA A 317 -0.58 9.81 1.24
CA ALA A 317 -0.49 10.28 -0.13
C ALA A 317 -0.26 11.78 -0.12
N ILE A 318 0.49 12.27 -1.10
CA ILE A 318 0.88 13.67 -1.16
C ILE A 318 0.21 14.32 -2.38
N GLY A 319 -0.53 15.41 -2.13
CA GLY A 319 -1.20 16.10 -3.21
C GLY A 319 -0.24 17.00 -3.96
N GLN A 320 -0.72 17.50 -5.11
CA GLN A 320 0.12 18.33 -5.97
C GLN A 320 0.55 19.58 -5.24
CL CL B . -0.73 26.39 8.46
CL CL C . -1.87 -3.02 4.28
#